data_9MU5
#
_entry.id   9MU5
#
loop_
_entity.id
_entity.type
_entity.pdbx_description
1 polymer 'Histone H2A'
2 polymer 'Histone H2B'
3 polymer 'Histone H3'
4 polymer 'Histone H4'
5 polymer 'DNA (133-MER)'
6 polymer 'DNA (133-MER)'
#
loop_
_entity_poly.entity_id
_entity_poly.type
_entity_poly.pdbx_seq_one_letter_code
_entity_poly.pdbx_strand_id
1 'polypeptide(L)'
;AKSRSNRAGLQFPVGRIHRLLRKGNYAERVGAGAPVYLAAVMEYLAAEVLELAGNAARDNKKTRIIPRHLQLAIRNDEEL
NKLLSGVTIAQGGVLPNIQAVLLPK
;
g
2 'polypeptide(L)'
;KKRKRKESYAIYIYKVLKQVHPDTGISSKAMSIMNSFVNDIFERIAAEASRLAHYNKRSTITSREIQTAVRLLLPGELAK
HAVSEGTKAVTKYTSSK
;
h
3 'polypeptide(L)'
;GTVALREIRRYQKSTELLIRKLPFQRLVREIAQDFKTDLRFQSSAVMALQEASEAYLVGLFEDTNLCAIHAKRVTIMPKD
IQLARRIRGERA
;
a,e
4 'polypeptide(L)' RDNIQGITKPAIRRLARRGGVKRISGLIYEETRGVLKVFLENVIRDAVTYTEHAKRKTVTAMDVVYALKRQGRTLYGFGG b,f
5 'polydeoxyribonucleotide'
;(DC)(DC)(DT)(DG)(DG)(DA)(DG)(DA)(DC)(DT)(DA)(DG)(DG)(DG)(DA)(DG)(DT)(DA)(DA)(DT)
(DC)(DC)(DC)(DC)(DT)(DT)(DG)(DG)(DC)(DG)(DG)(DT)(DT)(DA)(DA)(DA)(DA)(DC)(DG)(DC)
(DG)(DG)(DG)(DG)(DG)(DA)(DC)(DA)(DG)(DC)(DG)(DC)(DG)(DT)(DA)(DC)(DG)(DT)(DG)(DC)
(DG)(DT)(DT)(DT)(DA)(DA)(DG)(DC)(DG)(DG)(DT)(DG)(DC)(DT)(DA)(DG)(DA)(DG)(DC)(DT)
(DG)(DT)(DC)(DT)(DA)(DC)(DG)(DA)(DC)(DC)(DA)(DA)(DT)(DT)(DG)(DA)(DG)(DC)(DG)(DG)
(DC)(DC)(DT)(DC)(DG)(DG)(DC)(DA)(DC)(DC)(DG)(DG)(DG)(DA)(DT)(DT)(DC)(DT)(DT)(DA)
(DT)(DA)(DT)(DA)(DT)(DA)(DT)(DA)(DT)(DA)(DT)(DA)(DT)
;
N
6 'polydeoxyribonucleotide'
;(DA)(DT)(DA)(DT)(DA)(DT)(DA)(DT)(DA)(DT)(DA)(DT)(DA)(DT)(DA)(DA)(DG)(DA)(DA)(DT)
(DC)(DC)(DC)(DG)(DG)(DT)(DG)(DC)(DC)(DG)(DA)(DG)(DG)(DC)(DC)(DG)(DC)(DT)(DC)(DA)
(DA)(DT)(DT)(DG)(DG)(DT)(DC)(DG)(DT)(DA)(DG)(DA)(DC)(DA)(DG)(DC)(DT)(DC)(DT)(DA)
(DG)(DC)(DA)(DC)(DC)(DG)(DC)(DT)(DT)(DA)(DA)(DA)(DC)(DG)(DC)(DA)(DC)(DG)(DT)(DA)
(DC)(DG)(DC)(DG)(DC)(DT)(DG)(DT)(DC)(DC)(DC)(DC)(DC)(DG)(DC)(DG)(DT)(DT)(DT)(DT)
(DA)(DA)(DC)(DC)(DG)(DC)(DC)(DA)(DA)(DG)(DG)(DG)(DG)(DA)(DT)(DT)(DA)(DC)(DT)(DC)
(DC)(DC)(DT)(DA)(DG)(DT)(DC)(DT)(DC)(DC)(DA)(DG)(DG)
;
T
#
# COMPACT_ATOMS: atom_id res chain seq x y z
N ALA A 1 -32.61 23.56 -12.84
CA ALA A 1 -33.55 23.64 -11.73
C ALA A 1 -32.96 23.00 -10.47
N LYS A 2 -32.57 21.74 -10.59
CA LYS A 2 -31.98 20.99 -9.48
C LYS A 2 -30.60 20.49 -9.89
N SER A 3 -29.61 20.75 -9.04
CA SER A 3 -28.30 20.17 -9.24
C SER A 3 -28.35 18.67 -8.91
N ARG A 4 -27.46 17.91 -9.55
CA ARG A 4 -27.51 16.45 -9.44
C ARG A 4 -27.09 15.97 -8.05
N SER A 5 -26.23 16.72 -7.37
CA SER A 5 -25.89 16.37 -5.99
C SER A 5 -27.08 16.60 -5.06
N ASN A 6 -27.84 17.68 -5.29
CA ASN A 6 -29.06 17.90 -4.52
C ASN A 6 -30.14 16.90 -4.94
N ARG A 7 -30.18 16.56 -6.24
CA ARG A 7 -31.19 15.63 -6.74
C ARG A 7 -30.99 14.23 -6.18
N ALA A 8 -29.73 13.77 -6.13
CA ALA A 8 -29.42 12.47 -5.55
C ALA A 8 -29.25 12.52 -4.04
N GLY A 9 -29.16 13.71 -3.46
CA GLY A 9 -29.01 13.84 -2.02
C GLY A 9 -27.61 13.66 -1.49
N LEU A 10 -26.63 13.36 -2.35
CA LEU A 10 -25.26 13.17 -1.91
C LEU A 10 -24.58 14.51 -1.67
N GLN A 11 -23.64 14.53 -0.73
CA GLN A 11 -22.88 15.72 -0.42
C GLN A 11 -21.75 16.00 -1.40
N PHE A 12 -21.47 15.06 -2.31
CA PHE A 12 -20.32 15.25 -3.17
C PHE A 12 -20.75 15.79 -4.54
N PRO A 13 -19.90 16.59 -5.20
CA PRO A 13 -20.28 17.14 -6.51
C PRO A 13 -20.32 16.09 -7.61
N VAL A 14 -21.52 15.74 -8.04
CA VAL A 14 -21.69 14.80 -9.15
C VAL A 14 -21.21 15.44 -10.45
N GLY A 15 -21.45 16.74 -10.62
CA GLY A 15 -21.01 17.43 -11.81
C GLY A 15 -19.50 17.52 -11.94
N ARG A 16 -18.81 17.79 -10.83
CA ARG A 16 -17.35 17.86 -10.86
C ARG A 16 -16.73 16.49 -11.05
N ILE A 17 -17.32 15.46 -10.44
CA ILE A 17 -16.85 14.10 -10.61
C ILE A 17 -17.02 13.65 -12.06
N HIS A 18 -18.18 13.94 -12.66
CA HIS A 18 -18.41 13.61 -14.06
C HIS A 18 -17.51 14.42 -14.98
N ARG A 19 -17.23 15.69 -14.63
CA ARG A 19 -16.34 16.52 -15.44
C ARG A 19 -14.91 15.99 -15.40
N LEU A 20 -14.46 15.48 -14.25
CA LEU A 20 -13.16 14.85 -14.19
C LEU A 20 -13.15 13.51 -14.90
N LEU A 21 -14.29 12.80 -14.91
CA LEU A 21 -14.36 11.51 -15.59
C LEU A 21 -14.33 11.68 -17.11
N ARG A 22 -14.95 12.74 -17.63
CA ARG A 22 -14.97 12.93 -19.08
C ARG A 22 -13.61 13.34 -19.61
N LYS A 23 -12.88 14.17 -18.87
CA LYS A 23 -11.55 14.60 -19.27
C LYS A 23 -10.45 13.66 -18.81
N GLY A 24 -10.80 12.60 -18.07
CA GLY A 24 -9.82 11.68 -17.54
C GLY A 24 -9.31 10.64 -18.50
N ASN A 25 -9.79 10.67 -19.77
CA ASN A 25 -9.36 9.78 -20.85
C ASN A 25 -9.60 8.32 -20.50
N TYR A 26 -10.75 8.04 -19.88
CA TYR A 26 -11.13 6.68 -19.53
C TYR A 26 -12.08 6.04 -20.54
N ALA A 27 -13.07 6.78 -21.02
CA ALA A 27 -14.02 6.26 -21.99
C ALA A 27 -14.56 7.41 -22.83
N GLU A 28 -15.00 7.08 -24.04
CA GLU A 28 -15.60 8.08 -24.93
C GLU A 28 -17.01 8.45 -24.49
N ARG A 29 -17.70 7.57 -23.77
CA ARG A 29 -19.01 7.85 -23.20
C ARG A 29 -18.99 7.47 -21.73
N VAL A 30 -19.43 8.38 -20.88
CA VAL A 30 -19.48 8.15 -19.44
C VAL A 30 -20.96 8.15 -19.02
N GLY A 31 -21.36 7.11 -18.31
CA GLY A 31 -22.76 6.97 -17.91
C GLY A 31 -23.15 7.95 -16.82
N ALA A 32 -24.43 7.88 -16.47
CA ALA A 32 -25.00 8.80 -15.47
C ALA A 32 -25.00 8.22 -14.07
N GLY A 33 -25.20 6.90 -13.95
CA GLY A 33 -25.21 6.29 -12.63
C GLY A 33 -23.85 6.09 -12.01
N ALA A 34 -22.80 5.99 -12.83
CA ALA A 34 -21.43 5.83 -12.37
C ALA A 34 -20.89 7.00 -11.54
N PRO A 35 -21.09 8.28 -11.89
CA PRO A 35 -20.66 9.34 -10.95
C PRO A 35 -21.47 9.37 -9.66
N VAL A 36 -22.74 9.00 -9.69
CA VAL A 36 -23.54 8.91 -8.46
C VAL A 36 -23.01 7.80 -7.56
N TYR A 37 -22.68 6.65 -8.17
CA TYR A 37 -22.06 5.54 -7.44
C TYR A 37 -20.72 5.95 -6.84
N LEU A 38 -19.88 6.62 -7.62
CA LEU A 38 -18.57 7.07 -7.16
C LEU A 38 -18.69 8.10 -6.03
N ALA A 39 -19.62 9.04 -6.17
CA ALA A 39 -19.84 10.06 -5.14
C ALA A 39 -20.35 9.45 -3.84
N ALA A 40 -21.28 8.48 -3.92
CA ALA A 40 -21.80 7.84 -2.71
C ALA A 40 -20.72 7.00 -2.01
N VAL A 41 -19.93 6.26 -2.79
CA VAL A 41 -18.89 5.41 -2.22
C VAL A 41 -17.80 6.25 -1.56
N MET A 42 -17.36 7.32 -2.24
CA MET A 42 -16.36 8.19 -1.64
C MET A 42 -16.92 8.99 -0.46
N GLU A 43 -18.21 9.33 -0.49
CA GLU A 43 -18.84 10.01 0.64
C GLU A 43 -18.87 9.13 1.88
N TYR A 44 -19.22 7.85 1.73
CA TYR A 44 -19.22 6.95 2.87
C TYR A 44 -17.81 6.65 3.35
N LEU A 45 -16.85 6.53 2.44
CA LEU A 45 -15.47 6.29 2.84
C LEU A 45 -14.90 7.49 3.59
N ALA A 46 -15.19 8.70 3.11
CA ALA A 46 -14.77 9.91 3.81
C ALA A 46 -15.49 10.04 5.15
N ALA A 47 -16.76 9.62 5.23
CA ALA A 47 -17.47 9.63 6.50
C ALA A 47 -16.86 8.66 7.50
N GLU A 48 -16.44 7.49 7.04
CA GLU A 48 -15.74 6.53 7.91
C GLU A 48 -14.40 7.08 8.37
N VAL A 49 -13.65 7.73 7.47
CA VAL A 49 -12.34 8.29 7.82
C VAL A 49 -12.48 9.42 8.83
N LEU A 50 -13.43 10.33 8.59
CA LEU A 50 -13.69 11.41 9.56
C LEU A 50 -14.27 10.88 10.86
N GLU A 51 -15.03 9.78 10.84
CA GLU A 51 -15.55 9.21 12.07
C GLU A 51 -14.43 8.63 12.93
N LEU A 52 -13.52 7.89 12.30
CA LEU A 52 -12.38 7.33 13.05
C LEU A 52 -11.42 8.42 13.50
N ALA A 53 -11.24 9.46 12.66
CA ALA A 53 -10.41 10.60 13.06
C ALA A 53 -11.02 11.38 14.21
N GLY A 54 -12.35 11.55 14.22
CA GLY A 54 -13.01 12.19 15.34
C GLY A 54 -12.96 11.37 16.60
N ASN A 55 -13.02 10.04 16.48
CA ASN A 55 -12.83 9.17 17.64
C ASN A 55 -11.42 9.30 18.19
N ALA A 56 -10.41 9.35 17.31
CA ALA A 56 -9.04 9.54 17.75
C ALA A 56 -8.82 10.92 18.36
N ALA A 57 -9.52 11.94 17.86
CA ALA A 57 -9.42 13.28 18.41
C ALA A 57 -10.09 13.37 19.78
N ARG A 58 -11.23 12.70 19.95
CA ARG A 58 -11.88 12.65 21.24
C ARG A 58 -11.09 11.84 22.25
N ASP A 59 -10.32 10.85 21.76
CA ASP A 59 -9.37 10.16 22.64
C ASP A 59 -8.25 11.08 23.09
N ASN A 60 -7.86 12.04 22.24
CA ASN A 60 -6.83 13.01 22.58
C ASN A 60 -7.40 14.32 23.09
N LYS A 61 -8.72 14.37 23.30
CA LYS A 61 -9.44 15.52 23.89
C LYS A 61 -9.25 16.81 23.07
N LYS A 62 -9.26 16.66 21.75
CA LYS A 62 -9.12 17.79 20.84
C LYS A 62 -10.33 17.86 19.91
N THR A 63 -10.81 19.07 19.67
CA THR A 63 -11.90 19.30 18.75
C THR A 63 -11.41 19.73 17.37
N ARG A 64 -10.10 19.66 17.13
CA ARG A 64 -9.54 19.97 15.82
C ARG A 64 -8.71 18.77 15.38
N ILE A 65 -9.01 18.26 14.18
CA ILE A 65 -8.42 17.02 13.71
C ILE A 65 -7.02 17.30 13.17
N ILE A 66 -6.04 16.56 13.68
CA ILE A 66 -4.64 16.68 13.26
C ILE A 66 -4.30 15.40 12.48
N PRO A 67 -3.25 15.40 11.66
CA PRO A 67 -2.86 14.15 10.96
C PRO A 67 -2.36 13.04 11.87
N ARG A 68 -2.02 13.33 13.13
CA ARG A 68 -1.75 12.25 14.07
C ARG A 68 -3.02 11.45 14.37
N HIS A 69 -4.17 12.12 14.41
CA HIS A 69 -5.44 11.43 14.56
C HIS A 69 -5.75 10.54 13.36
N LEU A 70 -5.43 11.02 12.15
CA LEU A 70 -5.60 10.19 10.96
C LEU A 70 -4.61 9.03 10.94
N GLN A 71 -3.40 9.26 11.44
CA GLN A 71 -2.40 8.19 11.53
C GLN A 71 -2.83 7.11 12.50
N LEU A 72 -3.38 7.50 13.65
CA LEU A 72 -3.90 6.56 14.63
C LEU A 72 -5.25 5.99 14.24
N ALA A 73 -5.93 6.58 13.26
CA ALA A 73 -7.22 6.07 12.80
C ALA A 73 -7.08 5.06 11.67
N ILE A 74 -6.22 5.35 10.69
CA ILE A 74 -6.08 4.47 9.53
C ILE A 74 -5.35 3.20 9.91
N ARG A 75 -4.24 3.32 10.64
CA ARG A 75 -3.40 2.16 10.91
C ARG A 75 -4.00 1.24 11.96
N ASN A 76 -4.80 1.77 12.88
CA ASN A 76 -5.46 0.91 13.86
C ASN A 76 -6.58 0.11 13.22
N ASP A 77 -7.28 0.70 12.25
CA ASP A 77 -8.31 -0.02 11.53
C ASP A 77 -7.66 -1.03 10.59
N GLU A 78 -8.19 -2.26 10.58
CA GLU A 78 -7.57 -3.34 9.83
C GLU A 78 -7.75 -3.14 8.32
N GLU A 79 -8.97 -2.83 7.89
CA GLU A 79 -9.22 -2.69 6.46
C GLU A 79 -8.65 -1.40 5.90
N LEU A 80 -8.56 -0.35 6.73
CA LEU A 80 -7.93 0.88 6.29
C LEU A 80 -6.42 0.71 6.13
N ASN A 81 -5.79 0.00 7.06
CA ASN A 81 -4.37 -0.28 6.94
C ASN A 81 -4.08 -1.25 5.79
N LYS A 82 -5.00 -2.20 5.55
CA LYS A 82 -4.85 -3.14 4.45
C LYS A 82 -4.99 -2.44 3.10
N LEU A 83 -5.99 -1.57 2.97
CA LEU A 83 -6.17 -0.82 1.73
C LEU A 83 -5.07 0.22 1.54
N LEU A 84 -4.80 0.99 2.59
CA LEU A 84 -3.75 2.01 2.54
C LEU A 84 -2.46 1.47 3.18
N SER A 85 -1.88 0.49 2.49
CA SER A 85 -0.67 -0.16 2.98
C SER A 85 0.57 0.70 2.71
N GLY A 86 0.74 1.12 1.45
CA GLY A 86 1.85 1.95 1.05
C GLY A 86 1.65 3.43 1.28
N VAL A 87 0.55 3.82 1.91
CA VAL A 87 0.24 5.22 2.15
C VAL A 87 1.08 5.74 3.32
N THR A 88 1.78 6.85 3.08
CA THR A 88 2.52 7.54 4.13
C THR A 88 1.77 8.82 4.49
N ILE A 89 1.39 8.94 5.75
CA ILE A 89 0.66 10.12 6.23
C ILE A 89 1.69 11.16 6.66
N ALA A 90 1.61 12.35 6.07
CA ALA A 90 2.51 13.43 6.44
C ALA A 90 2.17 13.97 7.83
N GLN A 91 3.22 14.28 8.60
CA GLN A 91 3.16 14.66 10.00
C GLN A 91 2.41 13.59 10.80
N GLY A 92 3.06 12.44 10.87
CA GLY A 92 2.52 11.29 11.57
C GLY A 92 3.64 10.44 12.10
N GLY A 93 3.42 9.13 12.13
CA GLY A 93 4.42 8.21 12.60
C GLY A 93 3.96 6.77 12.54
N VAL A 94 4.22 6.02 13.61
CA VAL A 94 3.79 4.64 13.73
C VAL A 94 2.91 4.51 14.97
N LEU A 95 2.23 3.39 15.07
CA LEU A 95 1.47 3.07 16.27
C LEU A 95 2.44 2.80 17.41
N PRO A 96 2.27 3.43 18.59
CA PRO A 96 3.23 3.23 19.68
C PRO A 96 3.16 1.85 20.29
N ASN A 97 4.15 1.01 20.00
CA ASN A 97 4.20 -0.35 20.50
C ASN A 97 5.61 -0.67 20.97
N ILE A 98 5.69 -1.54 21.97
CA ILE A 98 6.96 -1.97 22.56
C ILE A 98 7.08 -3.47 22.34
N GLN A 99 8.23 -3.89 21.79
CA GLN A 99 8.48 -5.31 21.60
C GLN A 99 8.64 -6.02 22.94
N ALA A 100 8.28 -7.31 22.96
CA ALA A 100 8.23 -8.07 24.20
C ALA A 100 9.63 -8.34 24.74
N VAL A 101 10.58 -8.65 23.88
CA VAL A 101 11.94 -8.94 24.34
C VAL A 101 12.70 -7.67 24.72
N LEU A 102 12.22 -6.50 24.28
CA LEU A 102 12.82 -5.23 24.67
C LEU A 102 12.21 -4.66 25.94
N LEU A 103 11.20 -5.32 26.49
CA LEU A 103 10.56 -4.85 27.71
C LEU A 103 11.48 -5.09 28.92
N PRO A 104 11.40 -4.22 29.92
CA PRO A 104 12.13 -4.48 31.17
C PRO A 104 11.54 -5.67 31.91
N LYS A 105 12.40 -6.34 32.67
CA LYS A 105 12.00 -7.55 33.39
C LYS A 105 11.52 -7.20 34.80
N LYS B 1 -6.70 41.45 -7.44
CA LYS B 1 -6.95 40.38 -8.40
C LYS B 1 -6.50 39.03 -7.86
N LYS B 2 -7.40 38.06 -7.90
CA LYS B 2 -7.09 36.72 -7.44
C LYS B 2 -6.20 36.00 -8.46
N ARG B 3 -5.54 34.95 -8.00
CA ARG B 3 -4.64 34.19 -8.86
C ARG B 3 -5.42 33.29 -9.81
N LYS B 4 -6.15 32.33 -9.26
CA LYS B 4 -6.89 31.37 -10.08
C LYS B 4 -8.00 30.76 -9.23
N ARG B 5 -8.92 30.09 -9.92
CA ARG B 5 -10.03 29.40 -9.27
C ARG B 5 -9.59 27.96 -9.02
N LYS B 6 -8.97 27.72 -7.88
CA LYS B 6 -8.56 26.37 -7.49
C LYS B 6 -9.76 25.65 -6.88
N GLU B 7 -10.22 24.61 -7.56
CA GLU B 7 -11.35 23.80 -7.12
C GLU B 7 -10.86 22.67 -6.23
N SER B 8 -11.61 22.38 -5.18
CA SER B 8 -11.22 21.34 -4.23
C SER B 8 -12.47 20.71 -3.63
N TYR B 9 -12.25 19.71 -2.79
CA TYR B 9 -13.31 19.02 -2.07
C TYR B 9 -13.38 19.44 -0.62
N ALA B 10 -13.17 20.73 -0.35
CA ALA B 10 -13.10 21.22 1.02
C ALA B 10 -14.48 21.28 1.66
N ILE B 11 -15.41 21.98 1.03
CA ILE B 11 -16.70 22.26 1.67
C ILE B 11 -17.58 21.00 1.75
N TYR B 12 -17.45 20.09 0.78
CA TYR B 12 -18.28 18.88 0.78
C TYR B 12 -17.90 17.95 1.93
N ILE B 13 -16.61 17.72 2.12
CA ILE B 13 -16.17 16.86 3.20
C ILE B 13 -16.25 17.61 4.53
N TYR B 14 -16.21 18.95 4.49
CA TYR B 14 -16.49 19.72 5.69
C TYR B 14 -17.93 19.54 6.15
N LYS B 15 -18.88 19.52 5.20
CA LYS B 15 -20.27 19.18 5.52
C LYS B 15 -20.41 17.74 5.98
N VAL B 16 -19.61 16.83 5.41
CA VAL B 16 -19.60 15.43 5.85
C VAL B 16 -19.12 15.33 7.29
N LEU B 17 -18.06 16.07 7.65
CA LEU B 17 -17.59 16.13 9.02
C LEU B 17 -18.64 16.74 9.95
N LYS B 18 -19.31 17.80 9.49
CA LYS B 18 -20.33 18.45 10.32
C LYS B 18 -21.58 17.60 10.50
N GLN B 19 -21.87 16.68 9.57
CA GLN B 19 -22.94 15.73 9.81
C GLN B 19 -22.47 14.45 10.47
N VAL B 20 -21.16 14.27 10.65
CA VAL B 20 -20.66 13.15 11.44
C VAL B 20 -20.32 13.65 12.84
N HIS B 21 -19.43 14.64 12.93
CA HIS B 21 -19.03 15.25 14.20
C HIS B 21 -19.28 16.75 14.09
N PRO B 22 -20.45 17.23 14.52
CA PRO B 22 -20.77 18.67 14.35
C PRO B 22 -19.95 19.60 15.22
N ASP B 23 -19.38 19.12 16.31
CA ASP B 23 -18.64 19.96 17.23
C ASP B 23 -17.13 19.84 17.07
N THR B 24 -16.67 19.17 16.01
CA THR B 24 -15.25 18.93 15.79
C THR B 24 -14.80 19.65 14.52
N GLY B 25 -13.78 20.49 14.66
CA GLY B 25 -13.15 21.12 13.53
C GLY B 25 -11.99 20.30 12.98
N ILE B 26 -11.28 20.89 12.04
CA ILE B 26 -10.17 20.22 11.38
C ILE B 26 -9.16 21.27 10.91
N SER B 27 -7.88 20.94 11.02
CA SER B 27 -6.84 21.79 10.44
C SER B 27 -6.89 21.69 8.92
N SER B 28 -6.49 22.78 8.26
CA SER B 28 -6.60 22.86 6.80
C SER B 28 -5.56 22.00 6.10
N LYS B 29 -4.39 21.79 6.72
CA LYS B 29 -3.36 21.00 6.06
C LYS B 29 -3.68 19.50 6.13
N ALA B 30 -4.30 19.03 7.21
CA ALA B 30 -4.86 17.68 7.22
C ALA B 30 -5.99 17.55 6.22
N MET B 31 -6.77 18.62 6.03
CA MET B 31 -7.82 18.62 5.02
C MET B 31 -7.26 18.46 3.62
N SER B 32 -6.16 19.14 3.31
CA SER B 32 -5.53 18.96 2.01
C SER B 32 -4.85 17.60 1.88
N ILE B 33 -4.34 17.05 2.98
CA ILE B 33 -3.78 15.69 2.99
C ILE B 33 -4.86 14.67 2.62
N MET B 34 -6.04 14.79 3.23
CA MET B 34 -7.06 13.80 2.87
C MET B 34 -7.76 14.15 1.57
N ASN B 35 -7.64 15.39 1.09
CA ASN B 35 -8.04 15.72 -0.27
C ASN B 35 -7.15 14.98 -1.27
N SER B 36 -5.84 14.94 -1.00
CA SER B 36 -4.92 14.13 -1.78
C SER B 36 -5.26 12.65 -1.70
N PHE B 37 -5.69 12.19 -0.52
CA PHE B 37 -6.19 10.82 -0.36
C PHE B 37 -7.40 10.54 -1.24
N VAL B 38 -8.38 11.45 -1.24
CA VAL B 38 -9.61 11.25 -2.01
C VAL B 38 -9.32 11.25 -3.51
N ASN B 39 -8.49 12.20 -3.96
CA ASN B 39 -8.11 12.24 -5.37
C ASN B 39 -7.26 11.04 -5.77
N ASP B 40 -6.46 10.51 -4.85
CA ASP B 40 -5.66 9.31 -5.14
C ASP B 40 -6.55 8.08 -5.31
N ILE B 41 -7.55 7.92 -4.44
CA ILE B 41 -8.48 6.80 -4.59
C ILE B 41 -9.34 6.98 -5.85
N PHE B 42 -9.68 8.22 -6.20
CA PHE B 42 -10.39 8.49 -7.44
C PHE B 42 -9.57 8.08 -8.66
N GLU B 43 -8.30 8.48 -8.71
CA GLU B 43 -7.44 8.10 -9.81
C GLU B 43 -7.08 6.61 -9.80
N ARG B 44 -7.17 5.95 -8.65
CA ARG B 44 -6.99 4.51 -8.62
C ARG B 44 -8.18 3.80 -9.24
N ILE B 45 -9.38 4.03 -8.69
CA ILE B 45 -10.54 3.24 -9.11
C ILE B 45 -11.12 3.68 -10.45
N ALA B 46 -10.85 4.92 -10.89
CA ALA B 46 -11.25 5.31 -12.23
C ALA B 46 -10.38 4.61 -13.28
N ALA B 47 -9.08 4.49 -13.00
CA ALA B 47 -8.20 3.71 -13.86
C ALA B 47 -8.55 2.23 -13.81
N GLU B 48 -8.99 1.74 -12.65
CA GLU B 48 -9.48 0.36 -12.55
C GLU B 48 -10.71 0.14 -13.42
N ALA B 49 -11.66 1.08 -13.39
CA ALA B 49 -12.85 0.97 -14.23
C ALA B 49 -12.52 1.09 -15.71
N SER B 50 -11.55 1.95 -16.06
CA SER B 50 -11.10 2.05 -17.44
C SER B 50 -10.44 0.76 -17.91
N ARG B 51 -9.63 0.14 -17.05
CA ARG B 51 -9.01 -1.13 -17.39
C ARG B 51 -10.05 -2.23 -17.55
N LEU B 52 -11.06 -2.26 -16.68
CA LEU B 52 -12.11 -3.27 -16.80
C LEU B 52 -12.98 -3.03 -18.03
N ALA B 53 -13.17 -1.78 -18.43
CA ALA B 53 -13.85 -1.51 -19.69
C ALA B 53 -13.02 -1.93 -20.88
N HIS B 54 -11.69 -1.79 -20.77
CA HIS B 54 -10.80 -2.29 -21.82
C HIS B 54 -10.80 -3.81 -21.89
N TYR B 55 -10.99 -4.48 -20.75
CA TYR B 55 -11.02 -5.93 -20.74
C TYR B 55 -12.27 -6.46 -21.43
N ASN B 56 -13.38 -5.74 -21.32
CA ASN B 56 -14.61 -6.08 -22.02
C ASN B 56 -14.66 -5.54 -23.43
N LYS B 57 -13.60 -4.85 -23.87
CA LYS B 57 -13.51 -4.16 -25.16
C LYS B 57 -14.65 -3.17 -25.34
N ARG B 58 -14.95 -2.42 -24.28
CA ARG B 58 -16.07 -1.49 -24.25
C ARG B 58 -15.55 -0.07 -24.13
N SER B 59 -16.06 0.82 -24.99
CA SER B 59 -15.68 2.22 -24.99
C SER B 59 -16.59 3.06 -24.11
N THR B 60 -17.52 2.45 -23.38
CA THR B 60 -18.42 3.16 -22.47
C THR B 60 -18.30 2.54 -21.09
N ILE B 61 -18.08 3.39 -20.08
CA ILE B 61 -18.00 2.94 -18.70
C ILE B 61 -19.35 3.18 -18.05
N THR B 62 -19.96 2.11 -17.56
CA THR B 62 -21.22 2.17 -16.83
C THR B 62 -20.93 2.15 -15.34
N SER B 63 -21.99 2.02 -14.54
CA SER B 63 -21.81 1.85 -13.11
C SER B 63 -21.32 0.45 -12.75
N ARG B 64 -21.47 -0.51 -13.66
CA ARG B 64 -21.04 -1.88 -13.40
C ARG B 64 -19.52 -1.99 -13.33
N GLU B 65 -18.81 -1.19 -14.13
CA GLU B 65 -17.35 -1.13 -14.03
C GLU B 65 -16.92 -0.56 -12.69
N ILE B 66 -17.64 0.43 -12.18
CA ILE B 66 -17.38 0.97 -10.85
C ILE B 66 -17.69 -0.07 -9.78
N GLN B 67 -18.74 -0.86 -9.99
CA GLN B 67 -19.06 -1.96 -9.08
C GLN B 67 -17.93 -2.99 -9.02
N THR B 68 -17.39 -3.34 -10.18
CA THR B 68 -16.28 -4.29 -10.26
C THR B 68 -15.02 -3.71 -9.61
N ALA B 69 -14.77 -2.41 -9.81
CA ALA B 69 -13.63 -1.75 -9.18
C ALA B 69 -13.76 -1.72 -7.66
N VAL B 70 -14.97 -1.47 -7.14
CA VAL B 70 -15.20 -1.48 -5.70
C VAL B 70 -15.02 -2.88 -5.13
N ARG B 71 -15.63 -3.88 -5.75
CA ARG B 71 -15.54 -5.23 -5.22
C ARG B 71 -14.18 -5.89 -5.49
N LEU B 72 -13.35 -5.31 -6.34
CA LEU B 72 -11.98 -5.79 -6.51
C LEU B 72 -11.02 -5.11 -5.54
N LEU B 73 -11.00 -3.78 -5.53
CA LEU B 73 -9.97 -3.06 -4.80
C LEU B 73 -10.27 -2.94 -3.31
N LEU B 74 -11.52 -2.66 -2.94
CA LEU B 74 -11.84 -2.48 -1.53
C LEU B 74 -11.93 -3.84 -0.84
N PRO B 75 -11.19 -4.05 0.25
CA PRO B 75 -11.26 -5.32 0.97
C PRO B 75 -12.28 -5.29 2.10
N GLY B 76 -12.83 -6.48 2.37
CA GLY B 76 -13.72 -6.67 3.49
C GLY B 76 -15.07 -5.98 3.33
N GLU B 77 -15.63 -5.57 4.48
CA GLU B 77 -16.96 -4.96 4.55
C GLU B 77 -17.06 -3.68 3.76
N LEU B 78 -15.95 -2.94 3.65
CA LEU B 78 -15.91 -1.70 2.85
C LEU B 78 -16.20 -1.96 1.38
N ALA B 79 -16.00 -3.18 0.90
CA ALA B 79 -16.55 -3.55 -0.39
C ALA B 79 -18.07 -3.63 -0.33
N LYS B 80 -18.59 -4.55 0.49
CA LYS B 80 -20.00 -4.91 0.41
C LYS B 80 -20.91 -3.84 0.98
N HIS B 81 -20.39 -2.96 1.84
CA HIS B 81 -21.13 -1.76 2.20
C HIS B 81 -21.26 -0.83 1.00
N ALA B 82 -20.15 -0.59 0.31
CA ALA B 82 -20.13 0.40 -0.77
C ALA B 82 -20.91 -0.09 -1.98
N VAL B 83 -21.03 -1.40 -2.16
CA VAL B 83 -21.94 -1.93 -3.16
C VAL B 83 -23.39 -1.68 -2.74
N SER B 84 -23.71 -1.93 -1.46
CA SER B 84 -25.09 -1.91 -1.00
C SER B 84 -25.67 -0.50 -1.02
N GLU B 85 -24.86 0.49 -0.65
CA GLU B 85 -25.28 1.87 -0.79
C GLU B 85 -25.19 2.35 -2.23
N GLY B 86 -24.40 1.68 -3.07
CA GLY B 86 -24.21 2.16 -4.42
C GLY B 86 -25.35 1.81 -5.34
N THR B 87 -26.04 0.70 -5.07
CA THR B 87 -27.24 0.37 -5.82
C THR B 87 -28.37 1.33 -5.48
N LYS B 88 -28.60 1.58 -4.19
CA LYS B 88 -29.67 2.48 -3.76
C LYS B 88 -29.35 3.93 -4.07
N ALA B 89 -28.08 4.27 -4.31
CA ALA B 89 -27.75 5.57 -4.86
C ALA B 89 -28.26 5.72 -6.27
N VAL B 90 -28.26 4.62 -7.04
CA VAL B 90 -28.78 4.65 -8.40
C VAL B 90 -30.29 4.78 -8.39
N THR B 91 -30.97 4.05 -7.49
CA THR B 91 -32.44 4.04 -7.46
C THR B 91 -33.02 5.41 -7.11
N LYS B 92 -32.45 6.08 -6.11
CA LYS B 92 -32.87 7.44 -5.84
C LYS B 92 -32.41 8.40 -6.92
N TYR B 93 -31.38 8.04 -7.69
CA TYR B 93 -31.06 8.78 -8.89
C TYR B 93 -32.05 8.51 -10.02
N THR B 94 -32.75 7.39 -9.98
CA THR B 94 -33.71 7.05 -11.03
C THR B 94 -35.16 7.08 -10.53
N SER B 95 -35.41 7.54 -9.31
CA SER B 95 -36.77 7.59 -8.81
C SER B 95 -37.53 8.78 -9.38
N SER B 96 -37.02 10.00 -9.15
CA SER B 96 -37.65 11.21 -9.62
C SER B 96 -37.06 11.69 -10.94
N LYS B 97 -36.51 10.80 -11.75
CA LYS B 97 -35.87 11.18 -12.99
C LYS B 97 -36.89 11.29 -14.12
N GLY C 1 20.56 1.65 30.32
CA GLY C 1 19.47 0.82 29.83
C GLY C 1 18.11 1.47 29.97
N THR C 2 17.74 1.81 31.20
CA THR C 2 16.44 2.43 31.46
C THR C 2 16.38 3.85 30.91
N VAL C 3 17.49 4.58 30.99
CA VAL C 3 17.55 5.91 30.38
C VAL C 3 17.45 5.82 28.87
N ALA C 4 18.05 4.78 28.28
CA ALA C 4 17.86 4.52 26.86
C ALA C 4 16.44 4.06 26.54
N LEU C 5 15.78 3.37 27.47
CA LEU C 5 14.38 3.00 27.31
C LEU C 5 13.43 4.19 27.45
N ARG C 6 13.89 5.28 28.08
CA ARG C 6 13.02 6.42 28.35
C ARG C 6 12.65 7.16 27.06
N GLU C 7 13.62 7.33 26.15
CA GLU C 7 13.32 7.99 24.89
C GLU C 7 12.71 7.05 23.85
N ILE C 8 12.65 5.76 24.14
CA ILE C 8 11.97 4.83 23.24
C ILE C 8 10.47 5.11 23.23
N ARG C 9 9.88 5.30 24.41
CA ARG C 9 8.47 5.67 24.51
C ARG C 9 8.20 7.12 24.15
N ARG C 10 9.24 7.96 24.08
CA ARG C 10 9.03 9.39 23.89
C ARG C 10 8.90 9.75 22.42
N TYR C 11 9.76 9.21 21.57
CA TYR C 11 9.73 9.55 20.15
C TYR C 11 8.73 8.71 19.37
N GLN C 12 8.06 7.74 20.01
CA GLN C 12 7.00 7.00 19.34
C GLN C 12 5.68 7.76 19.33
N LYS C 13 5.55 8.82 20.13
CA LYS C 13 4.35 9.63 20.17
C LYS C 13 4.58 11.05 19.64
N SER C 14 5.74 11.30 19.05
CA SER C 14 6.08 12.62 18.52
C SER C 14 6.17 12.54 17.00
N THR C 15 5.57 13.52 16.32
CA THR C 15 5.51 13.55 14.87
C THR C 15 6.36 14.66 14.27
N GLU C 16 7.34 15.15 15.02
CA GLU C 16 8.21 16.22 14.56
C GLU C 16 9.42 15.63 13.83
N LEU C 17 9.96 16.41 12.89
CA LEU C 17 11.04 15.93 12.04
C LEU C 17 12.35 15.90 12.82
N LEU C 18 12.92 14.70 12.96
CA LEU C 18 14.15 14.54 13.73
C LEU C 18 15.36 15.11 13.00
N ILE C 19 15.33 15.04 11.67
CA ILE C 19 16.42 15.61 10.86
C ILE C 19 16.27 17.12 10.83
N ARG C 20 17.37 17.83 11.07
CA ARG C 20 17.37 19.27 10.91
C ARG C 20 17.21 19.64 9.44
N LYS C 21 16.38 20.65 9.18
CA LYS C 21 15.94 20.92 7.82
C LYS C 21 17.03 21.56 6.97
N LEU C 22 17.91 22.35 7.59
CA LEU C 22 18.96 23.00 6.84
C LEU C 22 20.07 22.06 6.32
N PRO C 23 20.62 21.11 7.10
CA PRO C 23 21.53 20.13 6.48
C PRO C 23 20.85 19.25 5.44
N PHE C 24 19.57 18.94 5.63
CA PHE C 24 18.83 18.19 4.62
C PHE C 24 18.68 18.99 3.34
N GLN C 25 18.40 20.29 3.45
CA GLN C 25 18.31 21.16 2.28
C GLN C 25 19.66 21.27 1.57
N ARG C 26 20.74 21.36 2.35
CA ARG C 26 22.09 21.37 1.76
C ARG C 26 22.39 20.07 1.04
N LEU C 27 21.98 18.93 1.61
CA LEU C 27 22.23 17.65 0.97
C LEU C 27 21.39 17.46 -0.29
N VAL C 28 20.14 17.92 -0.27
CA VAL C 28 19.28 17.88 -1.45
C VAL C 28 19.86 18.75 -2.56
N ARG C 29 20.35 19.95 -2.23
CA ARG C 29 20.97 20.80 -3.24
C ARG C 29 22.27 20.21 -3.77
N GLU C 30 23.05 19.58 -2.88
CA GLU C 30 24.29 18.92 -3.29
C GLU C 30 24.02 17.74 -4.23
N ILE C 31 22.96 16.98 -3.97
CA ILE C 31 22.60 15.90 -4.87
C ILE C 31 22.06 16.44 -6.18
N ALA C 32 21.22 17.48 -6.12
CA ALA C 32 20.54 17.98 -7.31
C ALA C 32 21.48 18.73 -8.24
N GLN C 33 22.55 19.33 -7.71
CA GLN C 33 23.51 19.98 -8.60
C GLN C 33 24.37 18.98 -9.36
N ASP C 34 24.42 17.73 -8.91
CA ASP C 34 25.13 16.70 -9.66
C ASP C 34 24.36 16.29 -10.91
N PHE C 35 23.03 16.30 -10.85
CA PHE C 35 22.23 15.94 -12.02
C PHE C 35 22.19 17.09 -13.02
N LYS C 36 21.68 18.24 -12.60
CA LYS C 36 21.65 19.41 -13.46
C LYS C 36 21.74 20.64 -12.57
N THR C 37 22.72 21.49 -12.84
CA THR C 37 23.03 22.62 -11.97
C THR C 37 21.99 23.72 -12.13
N ASP C 38 22.03 24.66 -11.17
CA ASP C 38 21.15 25.84 -11.09
C ASP C 38 19.67 25.43 -11.05
N LEU C 39 19.31 24.74 -9.97
CA LEU C 39 17.95 24.28 -9.76
C LEU C 39 17.32 25.05 -8.62
N ARG C 40 16.20 25.72 -8.90
CA ARG C 40 15.42 26.39 -7.87
C ARG C 40 14.50 25.38 -7.19
N PHE C 41 14.32 25.52 -5.89
CA PHE C 41 13.57 24.56 -5.10
C PHE C 41 12.53 25.26 -4.26
N GLN C 42 11.39 24.59 -4.07
CA GLN C 42 10.40 25.02 -3.11
C GLN C 42 10.65 24.35 -1.76
N SER C 43 10.23 25.03 -0.69
CA SER C 43 10.43 24.49 0.65
C SER C 43 9.53 23.29 0.92
N SER C 44 8.34 23.28 0.32
CA SER C 44 7.40 22.17 0.51
C SER C 44 7.94 20.87 -0.10
N ALA C 45 8.67 20.97 -1.21
CA ALA C 45 9.32 19.80 -1.79
C ALA C 45 10.36 19.22 -0.85
N VAL C 46 11.16 20.08 -0.21
CA VAL C 46 12.17 19.62 0.73
C VAL C 46 11.52 19.01 1.97
N MET C 47 10.42 19.60 2.45
CA MET C 47 9.71 19.03 3.59
C MET C 47 9.08 17.69 3.27
N ALA C 48 8.51 17.54 2.06
CA ALA C 48 7.93 16.26 1.65
C ALA C 48 9.01 15.19 1.51
N LEU C 49 10.16 15.56 0.93
CA LEU C 49 11.29 14.64 0.83
C LEU C 49 11.80 14.23 2.21
N GLN C 50 11.88 15.19 3.14
CA GLN C 50 12.37 14.90 4.48
C GLN C 50 11.42 13.97 5.24
N GLU C 51 10.11 14.23 5.16
CA GLU C 51 9.17 13.37 5.87
C GLU C 51 9.06 11.99 5.23
N ALA C 52 9.19 11.89 3.90
CA ALA C 52 9.18 10.60 3.24
C ALA C 52 10.43 9.79 3.59
N SER C 53 11.59 10.44 3.61
CA SER C 53 12.83 9.77 4.00
C SER C 53 12.80 9.34 5.46
N GLU C 54 12.24 10.17 6.34
CA GLU C 54 12.15 9.83 7.75
C GLU C 54 11.19 8.66 7.99
N ALA C 55 10.05 8.65 7.30
CA ALA C 55 9.11 7.54 7.43
C ALA C 55 9.68 6.25 6.87
N TYR C 56 10.38 6.32 5.73
CA TYR C 56 11.02 5.14 5.16
C TYR C 56 12.13 4.62 6.07
N LEU C 57 12.89 5.52 6.70
CA LEU C 57 13.93 5.11 7.64
C LEU C 57 13.32 4.50 8.90
N VAL C 58 12.18 5.01 9.37
CA VAL C 58 11.51 4.45 10.54
C VAL C 58 11.01 3.03 10.23
N GLY C 59 10.41 2.84 9.05
CA GLY C 59 9.98 1.50 8.66
C GLY C 59 11.14 0.53 8.45
N LEU C 60 12.25 1.01 7.88
CA LEU C 60 13.42 0.16 7.71
C LEU C 60 14.07 -0.18 9.04
N PHE C 61 14.05 0.75 10.00
CA PHE C 61 14.55 0.45 11.34
C PHE C 61 13.63 -0.50 12.08
N GLU C 62 12.33 -0.44 11.83
CA GLU C 62 11.40 -1.42 12.40
C GLU C 62 11.69 -2.82 11.85
N ASP C 63 11.94 -2.92 10.53
CA ASP C 63 12.32 -4.22 9.97
C ASP C 63 13.69 -4.69 10.46
N THR C 64 14.61 -3.74 10.69
CA THR C 64 15.91 -4.06 11.25
C THR C 64 15.78 -4.61 12.67
N ASN C 65 14.92 -4.00 13.49
CA ASN C 65 14.66 -4.49 14.83
C ASN C 65 13.98 -5.84 14.80
N LEU C 66 13.07 -6.06 13.84
CA LEU C 66 12.46 -7.38 13.67
C LEU C 66 13.47 -8.44 13.29
N CYS C 67 14.42 -8.12 12.42
CA CYS C 67 15.48 -9.06 12.08
C CYS C 67 16.42 -9.32 13.25
N ALA C 68 16.69 -8.30 14.07
CA ALA C 68 17.55 -8.48 15.24
C ALA C 68 16.86 -9.33 16.31
N ILE C 69 15.54 -9.17 16.45
CA ILE C 69 14.77 -10.02 17.35
C ILE C 69 14.73 -11.45 16.82
N HIS C 70 14.61 -11.60 15.50
CA HIS C 70 14.60 -12.92 14.87
C HIS C 70 15.94 -13.64 15.04
N ALA C 71 17.05 -12.89 15.14
CA ALA C 71 18.34 -13.46 15.43
C ALA C 71 18.66 -13.48 16.93
N LYS C 72 17.63 -13.33 17.77
CA LYS C 72 17.71 -13.41 19.23
C LYS C 72 18.67 -12.37 19.80
N ARG C 73 18.54 -11.13 19.34
CA ARG C 73 19.41 -10.05 19.77
C ARG C 73 18.59 -8.81 20.07
N VAL C 74 19.17 -7.94 20.91
CA VAL C 74 18.63 -6.60 21.14
C VAL C 74 19.53 -5.52 20.56
N THR C 75 20.69 -5.89 20.02
CA THR C 75 21.59 -4.97 19.35
C THR C 75 21.54 -5.23 17.85
N ILE C 76 21.42 -4.16 17.07
CA ILE C 76 21.25 -4.28 15.63
C ILE C 76 22.61 -4.26 14.94
N MET C 77 22.68 -4.94 13.80
CA MET C 77 23.84 -5.00 12.94
C MET C 77 23.41 -4.71 11.52
N PRO C 78 24.35 -4.28 10.65
CA PRO C 78 23.98 -3.98 9.25
C PRO C 78 23.43 -5.15 8.45
N LYS C 79 23.72 -6.39 8.84
CA LYS C 79 23.15 -7.53 8.12
C LYS C 79 21.64 -7.63 8.31
N ASP C 80 21.10 -7.10 9.41
CA ASP C 80 19.65 -6.99 9.57
C ASP C 80 19.05 -6.07 8.51
N ILE C 81 19.71 -4.93 8.27
CA ILE C 81 19.26 -3.99 7.25
C ILE C 81 19.42 -4.60 5.86
N GLN C 82 20.49 -5.36 5.65
CA GLN C 82 20.72 -6.04 4.38
C GLN C 82 19.63 -7.07 4.09
N LEU C 83 19.26 -7.87 5.10
CA LEU C 83 18.19 -8.84 4.95
C LEU C 83 16.84 -8.16 4.74
N ALA C 84 16.60 -7.05 5.45
CA ALA C 84 15.36 -6.31 5.28
C ALA C 84 15.24 -5.72 3.88
N ARG C 85 16.33 -5.18 3.35
CA ARG C 85 16.30 -4.64 1.99
C ARG C 85 16.23 -5.73 0.95
N ARG C 86 16.78 -6.91 1.24
CA ARG C 86 16.71 -8.01 0.28
C ARG C 86 15.30 -8.59 0.20
N ILE C 87 14.65 -8.79 1.35
CA ILE C 87 13.27 -9.29 1.35
C ILE C 87 12.33 -8.22 0.83
N ARG C 88 12.59 -6.95 1.15
CA ARG C 88 11.78 -5.84 0.64
C ARG C 88 11.96 -5.63 -0.86
N GLY C 89 13.02 -6.17 -1.46
CA GLY C 89 13.29 -5.96 -2.87
C GLY C 89 14.03 -4.68 -3.18
N GLU C 90 14.41 -3.91 -2.15
CA GLU C 90 15.16 -2.68 -2.38
C GLU C 90 16.61 -2.94 -2.74
N ARG C 91 17.10 -4.16 -2.51
CA ARG C 91 18.47 -4.51 -2.86
C ARG C 91 18.57 -4.70 -4.38
N ALA C 92 19.44 -3.92 -5.01
CA ALA C 92 19.62 -3.99 -6.45
C ALA C 92 20.43 -5.21 -6.84
N THR D 15 12.24 -27.39 -15.40
CA THR D 15 11.05 -26.65 -15.77
C THR D 15 9.79 -27.46 -15.50
N GLU D 16 9.97 -28.67 -14.95
CA GLU D 16 8.85 -29.52 -14.62
C GLU D 16 8.12 -28.99 -13.39
N LEU D 17 6.88 -29.43 -13.22
CA LEU D 17 6.05 -29.03 -12.10
C LEU D 17 6.01 -30.16 -11.09
N LEU D 18 6.44 -29.87 -9.86
CA LEU D 18 6.49 -30.87 -8.80
C LEU D 18 5.14 -31.13 -8.16
N ILE D 19 4.14 -30.30 -8.45
CA ILE D 19 2.78 -30.50 -7.98
C ILE D 19 1.99 -31.17 -9.09
N ARG D 20 1.28 -32.24 -8.75
CA ARG D 20 0.47 -32.96 -9.72
C ARG D 20 -0.72 -32.11 -10.15
N LYS D 21 -1.10 -32.25 -11.42
CA LYS D 21 -2.09 -31.34 -12.01
C LYS D 21 -3.49 -31.62 -11.48
N LEU D 22 -3.83 -32.89 -11.28
CA LEU D 22 -5.20 -33.24 -10.90
C LEU D 22 -5.55 -32.91 -9.45
N PRO D 23 -4.72 -33.21 -8.43
CA PRO D 23 -5.04 -32.68 -7.08
C PRO D 23 -5.03 -31.16 -7.00
N PHE D 24 -4.15 -30.50 -7.76
CA PHE D 24 -4.15 -29.05 -7.77
C PHE D 24 -5.41 -28.49 -8.41
N GLN D 25 -5.88 -29.12 -9.50
CA GLN D 25 -7.13 -28.71 -10.13
C GLN D 25 -8.32 -28.98 -9.22
N ARG D 26 -8.30 -30.09 -8.47
CA ARG D 26 -9.33 -30.38 -7.49
C ARG D 26 -9.35 -29.31 -6.39
N LEU D 27 -8.17 -28.89 -5.93
CA LEU D 27 -8.07 -27.85 -4.91
C LEU D 27 -8.56 -26.51 -5.45
N VAL D 28 -8.22 -26.18 -6.70
CA VAL D 28 -8.64 -24.93 -7.32
C VAL D 28 -10.16 -24.90 -7.47
N ARG D 29 -10.75 -25.99 -7.93
CA ARG D 29 -12.21 -26.05 -8.06
C ARG D 29 -12.90 -26.08 -6.71
N GLU D 30 -12.27 -26.68 -5.69
CA GLU D 30 -12.80 -26.65 -4.33
C GLU D 30 -12.84 -25.23 -3.78
N ILE D 31 -11.78 -24.46 -4.04
CA ILE D 31 -11.74 -23.07 -3.60
C ILE D 31 -12.75 -22.23 -4.39
N ALA D 32 -12.85 -22.46 -5.69
CA ALA D 32 -13.76 -21.68 -6.54
C ALA D 32 -15.22 -22.01 -6.28
N GLN D 33 -15.53 -23.20 -5.76
CA GLN D 33 -16.90 -23.54 -5.41
C GLN D 33 -17.39 -22.73 -4.22
N ASP D 34 -16.48 -22.23 -3.38
CA ASP D 34 -16.86 -21.40 -2.26
C ASP D 34 -17.37 -20.03 -2.73
N PHE D 35 -16.85 -19.52 -3.83
CA PHE D 35 -17.29 -18.23 -4.34
C PHE D 35 -18.53 -18.36 -5.20
N LYS D 36 -18.44 -19.14 -6.29
CA LYS D 36 -19.53 -19.31 -7.22
C LYS D 36 -19.64 -20.78 -7.60
N THR D 37 -20.84 -21.33 -7.50
CA THR D 37 -21.06 -22.71 -7.88
C THR D 37 -21.07 -22.85 -9.40
N ASP D 38 -20.68 -24.06 -9.86
CA ASP D 38 -20.71 -24.46 -11.28
C ASP D 38 -19.86 -23.55 -12.16
N LEU D 39 -18.57 -23.56 -11.90
CA LEU D 39 -17.61 -22.75 -12.65
C LEU D 39 -16.77 -23.65 -13.53
N ARG D 40 -16.90 -23.47 -14.85
CA ARG D 40 -16.06 -24.20 -15.79
C ARG D 40 -14.67 -23.58 -15.82
N PHE D 41 -13.65 -24.43 -15.94
CA PHE D 41 -12.28 -23.99 -15.87
C PHE D 41 -11.49 -24.49 -17.08
N GLN D 42 -10.68 -23.61 -17.64
CA GLN D 42 -9.72 -24.02 -18.65
C GLN D 42 -8.57 -24.77 -18.02
N SER D 43 -7.93 -25.63 -18.82
CA SER D 43 -6.68 -26.25 -18.39
C SER D 43 -5.56 -25.22 -18.33
N SER D 44 -5.60 -24.22 -19.21
CA SER D 44 -4.63 -23.14 -19.19
C SER D 44 -4.74 -22.28 -17.95
N ALA D 45 -5.96 -22.08 -17.42
CA ALA D 45 -6.13 -21.33 -16.18
C ALA D 45 -5.51 -22.05 -15.00
N VAL D 46 -5.70 -23.37 -14.92
CA VAL D 46 -5.10 -24.16 -13.85
C VAL D 46 -3.59 -24.21 -14.01
N MET D 47 -3.10 -24.28 -15.25
CA MET D 47 -1.67 -24.25 -15.53
C MET D 47 -1.04 -22.92 -15.12
N ALA D 48 -1.71 -21.80 -15.41
CA ALA D 48 -1.20 -20.49 -15.02
C ALA D 48 -1.25 -20.29 -13.52
N LEU D 49 -2.30 -20.78 -12.86
CA LEU D 49 -2.38 -20.71 -11.40
C LEU D 49 -1.26 -21.54 -10.75
N GLN D 50 -1.01 -22.73 -11.28
CA GLN D 50 0.06 -23.58 -10.76
C GLN D 50 1.44 -22.96 -10.96
N GLU D 51 1.67 -22.36 -12.15
CA GLU D 51 2.94 -21.71 -12.43
C GLU D 51 3.16 -20.50 -11.53
N ALA D 52 2.13 -19.66 -11.36
CA ALA D 52 2.25 -18.47 -10.53
C ALA D 52 2.43 -18.83 -9.06
N SER D 53 1.67 -19.83 -8.57
CA SER D 53 1.79 -20.24 -7.18
C SER D 53 3.15 -20.89 -6.91
N GLU D 54 3.66 -21.68 -7.85
CA GLU D 54 4.97 -22.31 -7.66
C GLU D 54 6.09 -21.27 -7.71
N ALA D 55 6.01 -20.31 -8.63
CA ALA D 55 7.02 -19.25 -8.69
C ALA D 55 6.95 -18.34 -7.47
N TYR D 56 5.77 -18.19 -6.88
CA TYR D 56 5.64 -17.42 -5.65
C TYR D 56 6.22 -18.17 -4.46
N LEU D 57 5.95 -19.47 -4.36
CA LEU D 57 6.43 -20.21 -3.21
C LEU D 57 7.92 -20.51 -3.29
N VAL D 58 8.51 -20.55 -4.50
CA VAL D 58 9.96 -20.70 -4.62
C VAL D 58 10.68 -19.47 -4.03
N GLY D 59 10.17 -18.27 -4.34
CA GLY D 59 10.69 -17.07 -3.71
C GLY D 59 10.42 -17.02 -2.23
N LEU D 60 9.28 -17.58 -1.79
CA LEU D 60 9.01 -17.70 -0.36
C LEU D 60 10.03 -18.62 0.34
N PHE D 61 10.37 -19.75 -0.29
CA PHE D 61 11.38 -20.64 0.27
C PHE D 61 12.76 -20.02 0.25
N GLU D 62 13.05 -19.21 -0.77
CA GLU D 62 14.33 -18.49 -0.80
C GLU D 62 14.43 -17.47 0.33
N ASP D 63 13.35 -16.72 0.58
CA ASP D 63 13.35 -15.78 1.70
C ASP D 63 13.38 -16.51 3.04
N THR D 64 12.73 -17.67 3.14
CA THR D 64 12.78 -18.49 4.35
C THR D 64 14.18 -19.01 4.61
N ASN D 65 14.89 -19.44 3.56
CA ASN D 65 16.27 -19.88 3.69
C ASN D 65 17.19 -18.73 4.06
N LEU D 66 16.93 -17.53 3.51
CA LEU D 66 17.71 -16.35 3.87
C LEU D 66 17.50 -15.98 5.34
N CYS D 67 16.26 -16.09 5.82
CA CYS D 67 16.00 -15.83 7.24
C CYS D 67 16.62 -16.88 8.15
N ALA D 68 16.61 -18.16 7.72
CA ALA D 68 17.21 -19.22 8.51
C ALA D 68 18.73 -19.08 8.57
N ILE D 69 19.35 -18.67 7.46
CA ILE D 69 20.78 -18.36 7.46
C ILE D 69 21.06 -17.15 8.35
N HIS D 70 20.19 -16.15 8.30
CA HIS D 70 20.31 -14.99 9.17
C HIS D 70 20.07 -15.35 10.63
N ALA D 71 19.28 -16.40 10.89
CA ALA D 71 19.11 -16.94 12.22
C ALA D 71 20.13 -18.02 12.55
N LYS D 72 21.19 -18.14 11.74
CA LYS D 72 22.32 -19.06 11.94
C LYS D 72 21.87 -20.52 11.99
N ARG D 73 20.98 -20.89 11.08
CA ARG D 73 20.45 -22.25 11.01
C ARG D 73 20.44 -22.71 9.56
N VAL D 74 20.46 -24.03 9.40
CA VAL D 74 20.25 -24.66 8.09
C VAL D 74 18.90 -25.35 8.01
N THR D 75 18.19 -25.50 9.12
CA THR D 75 16.85 -26.06 9.12
C THR D 75 15.84 -24.91 9.23
N ILE D 76 14.88 -24.87 8.31
CA ILE D 76 13.94 -23.77 8.27
C ILE D 76 12.91 -23.90 9.39
N MET D 77 12.36 -22.78 9.81
CA MET D 77 11.43 -22.70 10.92
C MET D 77 10.26 -21.82 10.52
N PRO D 78 9.10 -21.98 11.16
CA PRO D 78 7.96 -21.10 10.86
C PRO D 78 8.21 -19.63 11.14
N LYS D 79 9.07 -19.30 12.11
CA LYS D 79 9.39 -17.90 12.39
C LYS D 79 10.16 -17.25 11.25
N ASP D 80 10.89 -18.04 10.44
CA ASP D 80 11.50 -17.50 9.23
C ASP D 80 10.46 -17.02 8.25
N ILE D 81 9.40 -17.82 8.05
CA ILE D 81 8.30 -17.42 7.18
C ILE D 81 7.54 -16.25 7.78
N GLN D 82 7.40 -16.23 9.10
CA GLN D 82 6.74 -15.13 9.80
C GLN D 82 7.49 -13.82 9.63
N LEU D 83 8.81 -13.84 9.69
CA LEU D 83 9.60 -12.65 9.41
C LEU D 83 9.57 -12.27 7.93
N ALA D 84 9.65 -13.26 7.04
CA ALA D 84 9.73 -12.99 5.61
C ALA D 84 8.44 -12.38 5.07
N ARG D 85 7.29 -12.90 5.50
CA ARG D 85 6.03 -12.33 5.05
C ARG D 85 5.73 -10.99 5.73
N ARG D 86 6.29 -10.74 6.92
CA ARG D 86 6.09 -9.45 7.56
C ARG D 86 6.91 -8.37 6.88
N ILE D 87 8.15 -8.68 6.51
CA ILE D 87 8.96 -7.72 5.74
C ILE D 87 8.38 -7.56 4.35
N ARG D 88 7.91 -8.66 3.75
CA ARG D 88 7.23 -8.59 2.46
C ARG D 88 5.89 -7.88 2.53
N GLY D 89 5.29 -7.79 3.72
CA GLY D 89 4.03 -7.10 3.88
C GLY D 89 2.82 -7.84 3.39
N GLU D 90 2.91 -9.17 3.23
CA GLU D 90 1.79 -9.95 2.74
C GLU D 90 0.70 -10.16 3.78
N ARG D 91 0.97 -9.87 5.05
CA ARG D 91 -0.03 -9.98 6.10
C ARG D 91 -0.65 -8.62 6.35
N ALA D 92 -1.98 -8.57 6.38
CA ALA D 92 -2.69 -7.32 6.61
C ALA D 92 -2.65 -6.93 8.08
N ARG E 1 30.14 21.25 -1.41
CA ARG E 1 30.26 20.86 -0.02
C ARG E 1 29.54 19.54 0.25
N ASP E 2 30.26 18.58 0.82
CA ASP E 2 29.68 17.30 1.17
C ASP E 2 28.81 17.46 2.41
N ASN E 3 27.51 17.20 2.26
CA ASN E 3 26.56 17.35 3.35
C ASN E 3 26.01 16.02 3.82
N ILE E 4 26.70 14.92 3.50
CA ILE E 4 26.28 13.61 3.99
C ILE E 4 26.60 13.44 5.47
N GLN E 5 27.52 14.25 6.01
CA GLN E 5 27.79 14.25 7.44
C GLN E 5 26.82 15.10 8.22
N GLY E 6 25.92 15.81 7.55
CA GLY E 6 24.89 16.59 8.23
C GLY E 6 23.84 15.75 8.92
N ILE E 7 23.70 14.49 8.51
CA ILE E 7 22.80 13.57 9.20
C ILE E 7 23.55 13.04 10.42
N THR E 8 23.39 13.72 11.54
CA THR E 8 24.13 13.38 12.75
C THR E 8 23.59 12.09 13.37
N LYS E 9 24.49 11.32 13.98
CA LYS E 9 24.12 10.10 14.68
C LYS E 9 23.19 10.26 15.89
N PRO E 10 23.07 11.43 16.58
CA PRO E 10 21.89 11.60 17.44
C PRO E 10 20.57 11.58 16.67
N ALA E 11 20.53 12.14 15.46
CA ALA E 11 19.29 12.09 14.68
C ALA E 11 19.00 10.68 14.17
N ILE E 12 20.04 9.92 13.82
CA ILE E 12 19.86 8.53 13.43
C ILE E 12 19.43 7.69 14.62
N ARG E 13 19.97 7.99 15.81
CA ARG E 13 19.54 7.30 17.02
C ARG E 13 18.10 7.66 17.38
N ARG E 14 17.70 8.91 17.17
CA ARG E 14 16.31 9.30 17.38
C ARG E 14 15.36 8.63 16.40
N LEU E 15 15.80 8.45 15.14
CA LEU E 15 15.02 7.69 14.18
C LEU E 15 14.93 6.21 14.57
N ALA E 16 15.99 5.68 15.18
CA ALA E 16 15.95 4.31 15.68
C ALA E 16 15.02 4.17 16.87
N ARG E 17 14.97 5.18 17.74
CA ARG E 17 14.01 5.19 18.84
C ARG E 17 12.59 5.31 18.32
N ARG E 18 12.38 6.13 17.29
CA ARG E 18 11.10 6.17 16.61
C ARG E 18 10.83 4.88 15.84
N GLY E 19 11.89 4.26 15.32
CA GLY E 19 11.80 2.94 14.73
C GLY E 19 11.80 1.80 15.73
N GLY E 20 11.94 2.11 17.01
CA GLY E 20 11.88 1.11 18.06
C GLY E 20 13.08 0.19 18.10
N VAL E 21 14.26 0.75 18.36
CA VAL E 21 15.50 -0.01 18.43
C VAL E 21 16.10 0.18 19.82
N LYS E 22 16.39 -0.94 20.49
CA LYS E 22 16.96 -0.88 21.84
C LYS E 22 18.41 -0.42 21.81
N ARG E 23 19.27 -1.18 21.15
CA ARG E 23 20.70 -0.89 21.12
C ARG E 23 21.14 -0.64 19.69
N ILE E 24 21.89 0.43 19.50
CA ILE E 24 22.32 0.88 18.17
C ILE E 24 23.84 0.75 18.10
N SER E 25 24.31 -0.05 17.15
CA SER E 25 25.75 -0.21 16.97
C SER E 25 26.35 1.03 16.31
N GLY E 26 27.68 1.14 16.41
CA GLY E 26 28.36 2.31 15.91
C GLY E 26 28.48 2.37 14.39
N LEU E 27 28.37 1.23 13.72
CA LEU E 27 28.49 1.17 12.26
C LEU E 27 27.14 1.14 11.56
N ILE E 28 26.05 1.32 12.30
CA ILE E 28 24.72 1.42 11.69
C ILE E 28 24.61 2.70 10.88
N TYR E 29 25.26 3.78 11.34
CA TYR E 29 25.13 5.09 10.72
C TYR E 29 25.71 5.12 9.30
N GLU E 30 26.75 4.34 9.04
CA GLU E 30 27.36 4.32 7.71
C GLU E 30 26.42 3.70 6.67
N GLU E 31 25.82 2.55 6.99
CA GLU E 31 24.87 1.96 6.06
C GLU E 31 23.56 2.74 6.03
N THR E 32 23.22 3.44 7.12
CA THR E 32 22.07 4.34 7.10
C THR E 32 22.29 5.49 6.12
N ARG E 33 23.49 6.07 6.12
CA ARG E 33 23.84 7.10 5.15
C ARG E 33 23.85 6.54 3.74
N GLY E 34 24.37 5.33 3.56
CA GLY E 34 24.36 4.69 2.25
C GLY E 34 22.98 4.37 1.72
N VAL E 35 22.05 4.02 2.62
CA VAL E 35 20.67 3.79 2.21
C VAL E 35 19.99 5.10 1.85
N LEU E 36 20.18 6.14 2.68
CA LEU E 36 19.46 7.39 2.43
C LEU E 36 20.01 8.14 1.23
N LYS E 37 21.29 7.96 0.89
CA LYS E 37 21.81 8.60 -0.32
C LYS E 37 21.24 7.94 -1.57
N VAL E 38 21.03 6.62 -1.53
CA VAL E 38 20.38 5.92 -2.64
C VAL E 38 18.92 6.36 -2.76
N PHE E 39 18.23 6.47 -1.62
CA PHE E 39 16.85 6.92 -1.61
C PHE E 39 16.71 8.37 -2.07
N LEU E 40 17.73 9.19 -1.84
CA LEU E 40 17.73 10.57 -2.27
C LEU E 40 18.45 10.80 -3.60
N GLU E 41 18.95 9.75 -4.25
CA GLU E 41 19.35 9.90 -5.65
C GLU E 41 18.40 9.19 -6.60
N ASN E 42 17.49 8.38 -6.08
CA ASN E 42 16.40 7.86 -6.91
C ASN E 42 15.27 8.87 -7.09
N VAL E 43 14.67 9.30 -5.97
CA VAL E 43 13.49 10.16 -6.01
C VAL E 43 13.85 11.55 -6.53
N ILE E 44 15.04 12.04 -6.19
CA ILE E 44 15.46 13.36 -6.65
C ILE E 44 15.72 13.36 -8.15
N ARG E 45 16.35 12.29 -8.67
CA ARG E 45 16.55 12.18 -10.12
C ARG E 45 15.22 12.05 -10.85
N ASP E 46 14.28 11.31 -10.27
CA ASP E 46 12.95 11.20 -10.88
C ASP E 46 12.22 12.53 -10.86
N ALA E 47 12.38 13.32 -9.80
CA ALA E 47 11.75 14.64 -9.73
C ALA E 47 12.39 15.62 -10.71
N VAL E 48 13.71 15.54 -10.90
CA VAL E 48 14.37 16.36 -11.92
C VAL E 48 13.92 15.96 -13.31
N THR E 49 13.71 14.66 -13.52
CA THR E 49 13.17 14.17 -14.80
C THR E 49 11.75 14.68 -15.03
N TYR E 50 10.94 14.72 -13.97
CA TYR E 50 9.58 15.26 -14.08
C TYR E 50 9.59 16.77 -14.32
N THR E 51 10.56 17.48 -13.74
CA THR E 51 10.66 18.93 -13.92
C THR E 51 11.22 19.28 -15.30
N GLU E 52 12.04 18.41 -15.89
CA GLU E 52 12.71 18.70 -17.15
C GLU E 52 11.74 18.77 -18.31
N HIS E 53 10.76 17.86 -18.36
CA HIS E 53 9.74 17.97 -19.40
C HIS E 53 8.70 19.04 -19.09
N ALA E 54 8.70 19.60 -17.89
CA ALA E 54 7.93 20.79 -17.58
C ALA E 54 8.65 22.08 -17.97
N LYS E 55 9.91 21.95 -18.45
CA LYS E 55 10.71 23.05 -19.00
C LYS E 55 10.96 24.15 -17.95
N ARG E 56 11.31 23.73 -16.75
CA ARG E 56 11.60 24.65 -15.67
C ARG E 56 12.84 24.19 -14.93
N LYS E 57 13.57 25.15 -14.37
CA LYS E 57 14.61 24.85 -13.37
C LYS E 57 14.09 25.07 -11.95
N THR E 58 12.82 25.40 -11.80
CA THR E 58 12.18 25.54 -10.49
C THR E 58 11.54 24.20 -10.14
N VAL E 59 12.04 23.56 -9.10
CA VAL E 59 11.53 22.26 -8.69
C VAL E 59 10.29 22.47 -7.82
N THR E 60 9.15 21.97 -8.28
CA THR E 60 7.92 22.03 -7.53
C THR E 60 7.69 20.74 -6.76
N ALA E 61 6.83 20.82 -5.74
CA ALA E 61 6.53 19.64 -4.94
C ALA E 61 5.64 18.64 -5.66
N MET E 62 4.92 19.07 -6.70
CA MET E 62 4.11 18.13 -7.48
C MET E 62 5.00 17.18 -8.28
N ASP E 63 6.18 17.64 -8.71
CA ASP E 63 7.16 16.74 -9.31
C ASP E 63 7.65 15.71 -8.30
N VAL E 64 7.78 16.09 -7.03
CA VAL E 64 8.16 15.15 -5.98
C VAL E 64 7.04 14.15 -5.73
N VAL E 65 5.79 14.61 -5.80
CA VAL E 65 4.64 13.71 -5.67
C VAL E 65 4.61 12.70 -6.82
N TYR E 66 4.87 13.17 -8.03
CA TYR E 66 4.95 12.29 -9.20
C TYR E 66 6.10 11.31 -9.08
N ALA E 67 7.24 11.76 -8.55
CA ALA E 67 8.39 10.88 -8.35
C ALA E 67 8.11 9.83 -7.30
N LEU E 68 7.41 10.21 -6.23
CA LEU E 68 7.10 9.26 -5.16
C LEU E 68 6.06 8.23 -5.61
N LYS E 69 5.04 8.67 -6.32
CA LYS E 69 4.04 7.73 -6.84
C LYS E 69 4.57 6.91 -8.01
N ARG E 70 5.64 7.38 -8.67
CA ARG E 70 6.30 6.58 -9.68
C ARG E 70 6.97 5.37 -9.07
N GLN E 71 7.58 5.53 -7.90
CA GLN E 71 8.26 4.44 -7.22
C GLN E 71 7.35 3.69 -6.25
N GLY E 72 6.06 4.03 -6.22
CA GLY E 72 5.12 3.35 -5.35
C GLY E 72 4.99 3.91 -3.96
N ARG E 73 5.78 4.92 -3.60
CA ARG E 73 5.70 5.53 -2.29
C ARG E 73 4.54 6.53 -2.28
N THR E 74 3.45 6.18 -1.61
CA THR E 74 2.26 7.01 -1.59
C THR E 74 2.33 7.98 -0.41
N LEU E 75 2.50 9.26 -0.70
CA LEU E 75 2.56 10.30 0.32
C LEU E 75 1.37 11.23 0.17
N TYR E 76 0.64 11.40 1.26
CA TYR E 76 -0.48 12.34 1.33
C TYR E 76 0.01 13.53 2.14
N GLY E 77 0.43 14.59 1.43
CA GLY E 77 1.12 15.69 2.09
C GLY E 77 1.37 16.87 1.18
N PHE E 78 2.60 17.38 1.22
CA PHE E 78 2.98 18.55 0.43
C PHE E 78 2.92 18.24 -1.07
N GLY E 79 2.43 19.21 -1.84
CA GLY E 79 2.29 19.09 -3.26
C GLY E 79 0.92 18.68 -3.74
N GLY E 80 0.10 18.12 -2.86
CA GLY E 80 -1.24 17.69 -3.25
C GLY E 80 -1.26 16.31 -3.87
N ARG F 1 -15.18 -31.64 -1.13
CA ARG F 1 -14.03 -32.53 -0.95
C ARG F 1 -12.77 -31.72 -0.72
N ASP F 2 -12.17 -31.87 0.47
CA ASP F 2 -10.95 -31.15 0.79
C ASP F 2 -9.78 -31.71 0.00
N ASN F 3 -9.01 -30.80 -0.62
CA ASN F 3 -7.87 -31.20 -1.44
C ASN F 3 -6.60 -30.45 -1.04
N ILE F 4 -6.53 -29.91 0.18
CA ILE F 4 -5.33 -29.25 0.63
C ILE F 4 -4.24 -30.26 0.97
N GLN F 5 -4.60 -31.51 1.22
CA GLN F 5 -3.62 -32.57 1.42
C GLN F 5 -3.16 -33.21 0.11
N GLY F 6 -3.71 -32.76 -1.03
CA GLY F 6 -3.19 -33.18 -2.31
C GLY F 6 -1.81 -32.61 -2.61
N ILE F 7 -1.45 -31.51 -1.96
CA ILE F 7 -0.08 -31.00 -2.01
C ILE F 7 0.72 -31.82 -1.03
N THR F 8 1.28 -32.93 -1.51
CA THR F 8 1.88 -33.94 -0.64
C THR F 8 3.22 -33.47 -0.10
N LYS F 9 3.68 -34.18 0.94
CA LYS F 9 4.95 -33.86 1.58
C LYS F 9 6.18 -33.95 0.67
N PRO F 10 6.38 -34.98 -0.18
CA PRO F 10 7.55 -34.92 -1.07
C PRO F 10 7.42 -33.86 -2.15
N ALA F 11 6.21 -33.42 -2.50
CA ALA F 11 6.06 -32.32 -3.44
C ALA F 11 6.58 -31.01 -2.85
N ILE F 12 6.19 -30.71 -1.61
CA ILE F 12 6.70 -29.51 -0.94
C ILE F 12 8.19 -29.64 -0.66
N ARG F 13 8.66 -30.87 -0.35
CA ARG F 13 10.07 -31.10 -0.14
C ARG F 13 10.89 -30.86 -1.41
N ARG F 14 10.40 -31.33 -2.56
CA ARG F 14 11.06 -31.09 -3.83
C ARG F 14 11.01 -29.62 -4.21
N LEU F 15 9.92 -28.93 -3.87
CA LEU F 15 9.84 -27.50 -4.12
C LEU F 15 10.80 -26.71 -3.24
N ALA F 16 11.02 -27.18 -2.01
CA ALA F 16 12.04 -26.57 -1.15
C ALA F 16 13.44 -26.86 -1.65
N ARG F 17 13.66 -28.04 -2.26
CA ARG F 17 14.91 -28.30 -2.96
C ARG F 17 15.09 -27.33 -4.13
N ARG F 18 14.01 -27.07 -4.86
CA ARG F 18 14.03 -26.01 -5.88
C ARG F 18 14.15 -24.64 -5.24
N GLY F 19 13.58 -24.46 -4.05
CA GLY F 19 13.71 -23.22 -3.31
C GLY F 19 15.04 -23.01 -2.60
N GLY F 20 15.90 -24.01 -2.62
CA GLY F 20 17.23 -23.89 -2.03
C GLY F 20 17.24 -24.05 -0.52
N VAL F 21 16.64 -25.12 -0.02
CA VAL F 21 16.57 -25.41 1.41
C VAL F 21 17.16 -26.79 1.65
N LYS F 22 18.13 -26.87 2.56
CA LYS F 22 18.81 -28.14 2.81
C LYS F 22 17.98 -29.06 3.71
N ARG F 23 17.49 -28.54 4.84
CA ARG F 23 16.68 -29.32 5.76
C ARG F 23 15.35 -28.61 6.01
N ILE F 24 14.27 -29.36 5.90
CA ILE F 24 12.91 -28.85 6.04
C ILE F 24 12.32 -29.43 7.32
N SER F 25 11.84 -28.56 8.20
CA SER F 25 11.17 -29.04 9.41
C SER F 25 9.80 -29.60 9.07
N GLY F 26 9.28 -30.42 9.99
CA GLY F 26 8.04 -31.13 9.73
C GLY F 26 6.79 -30.27 9.75
N LEU F 27 6.86 -29.10 10.37
CA LEU F 27 5.71 -28.21 10.50
C LEU F 27 5.75 -27.04 9.52
N ILE F 28 6.71 -27.04 8.59
CA ILE F 28 6.74 -26.01 7.55
C ILE F 28 5.58 -26.20 6.58
N TYR F 29 5.19 -27.46 6.34
CA TYR F 29 4.20 -27.79 5.32
C TYR F 29 2.82 -27.22 5.63
N GLU F 30 2.45 -27.15 6.91
CA GLU F 30 1.15 -26.61 7.28
C GLU F 30 1.07 -25.11 7.02
N GLU F 31 2.12 -24.37 7.37
CA GLU F 31 2.15 -22.94 7.06
C GLU F 31 2.27 -22.68 5.57
N THR F 32 2.97 -23.58 4.84
CA THR F 32 3.03 -23.47 3.39
C THR F 32 1.66 -23.67 2.76
N ARG F 33 0.89 -24.65 3.26
CA ARG F 33 -0.48 -24.85 2.81
C ARG F 33 -1.37 -23.67 3.16
N GLY F 34 -1.14 -23.06 4.34
CA GLY F 34 -1.92 -21.89 4.72
C GLY F 34 -1.65 -20.67 3.86
N VAL F 35 -0.38 -20.43 3.53
CA VAL F 35 -0.03 -19.30 2.67
C VAL F 35 -0.53 -19.53 1.25
N LEU F 36 -0.42 -20.77 0.76
CA LEU F 36 -0.97 -21.12 -0.55
C LEU F 36 -2.50 -20.99 -0.55
N LYS F 37 -3.14 -21.32 0.57
CA LYS F 37 -4.57 -21.14 0.73
C LYS F 37 -4.96 -19.67 0.67
N VAL F 38 -4.18 -18.79 1.33
CA VAL F 38 -4.47 -17.36 1.29
C VAL F 38 -4.30 -16.80 -0.13
N PHE F 39 -3.22 -17.22 -0.80
CA PHE F 39 -2.94 -16.77 -2.16
C PHE F 39 -4.02 -17.24 -3.14
N LEU F 40 -4.45 -18.49 -3.01
CA LEU F 40 -5.48 -19.03 -3.89
C LEU F 40 -6.90 -18.64 -3.47
N GLU F 41 -7.08 -18.12 -2.25
CA GLU F 41 -8.34 -17.47 -1.92
C GLU F 41 -8.42 -16.07 -2.50
N ASN F 42 -7.28 -15.38 -2.62
CA ASN F 42 -7.27 -14.06 -3.25
C ASN F 42 -7.39 -14.12 -4.77
N VAL F 43 -6.52 -14.89 -5.44
CA VAL F 43 -6.41 -14.83 -6.89
C VAL F 43 -7.64 -15.46 -7.56
N ILE F 44 -8.15 -16.55 -7.00
CA ILE F 44 -9.31 -17.21 -7.59
C ILE F 44 -10.56 -16.34 -7.43
N ARG F 45 -10.69 -15.65 -6.29
CA ARG F 45 -11.81 -14.72 -6.09
C ARG F 45 -11.73 -13.54 -7.07
N ASP F 46 -10.52 -13.02 -7.29
CA ASP F 46 -10.34 -11.96 -8.29
C ASP F 46 -10.68 -12.46 -9.69
N ALA F 47 -10.32 -13.71 -10.01
CA ALA F 47 -10.64 -14.29 -11.31
C ALA F 47 -12.15 -14.51 -11.47
N VAL F 48 -12.84 -14.88 -10.39
CA VAL F 48 -14.30 -14.99 -10.42
C VAL F 48 -14.93 -13.62 -10.67
N THR F 49 -14.37 -12.57 -10.05
CA THR F 49 -14.84 -11.21 -10.31
C THR F 49 -14.63 -10.80 -11.77
N TYR F 50 -13.45 -11.12 -12.32
CA TYR F 50 -13.16 -10.83 -13.72
C TYR F 50 -14.05 -11.63 -14.67
N THR F 51 -14.40 -12.85 -14.30
CA THR F 51 -15.27 -13.67 -15.14
C THR F 51 -16.72 -13.20 -15.09
N GLU F 52 -17.20 -12.79 -13.91
CA GLU F 52 -18.59 -12.35 -13.80
C GLU F 52 -18.78 -10.96 -14.39
N HIS F 53 -17.72 -10.14 -14.41
CA HIS F 53 -17.83 -8.89 -15.16
C HIS F 53 -17.83 -9.12 -16.66
N ALA F 54 -17.33 -10.27 -17.12
CA ALA F 54 -17.32 -10.62 -18.53
C ALA F 54 -18.55 -11.43 -18.95
N LYS F 55 -19.52 -11.59 -18.04
CA LYS F 55 -20.78 -12.32 -18.27
C LYS F 55 -20.52 -13.77 -18.68
N ARG F 56 -19.64 -14.44 -17.95
CA ARG F 56 -19.28 -15.82 -18.23
C ARG F 56 -19.26 -16.63 -16.94
N LYS F 57 -19.47 -17.93 -17.07
CA LYS F 57 -19.21 -18.88 -16.01
C LYS F 57 -17.98 -19.74 -16.29
N THR F 58 -17.46 -19.70 -17.51
CA THR F 58 -16.24 -20.42 -17.87
C THR F 58 -15.04 -19.57 -17.47
N VAL F 59 -14.29 -20.03 -16.48
CA VAL F 59 -13.13 -19.29 -15.99
C VAL F 59 -11.98 -19.49 -16.97
N THR F 60 -11.43 -18.40 -17.48
CA THR F 60 -10.38 -18.43 -18.48
C THR F 60 -9.03 -18.08 -17.87
N ALA F 61 -7.97 -18.45 -18.59
CA ALA F 61 -6.61 -18.11 -18.16
C ALA F 61 -6.32 -16.62 -18.28
N MET F 62 -7.02 -15.92 -19.18
CA MET F 62 -6.78 -14.49 -19.34
C MET F 62 -7.28 -13.71 -18.14
N ASP F 63 -8.37 -14.18 -17.51
CA ASP F 63 -8.81 -13.62 -16.23
C ASP F 63 -7.80 -13.90 -15.12
N VAL F 64 -7.12 -15.04 -15.18
CA VAL F 64 -6.05 -15.32 -14.22
C VAL F 64 -4.89 -14.35 -14.43
N VAL F 65 -4.57 -14.03 -15.69
CA VAL F 65 -3.54 -13.04 -15.99
C VAL F 65 -3.97 -11.66 -15.49
N TYR F 66 -5.26 -11.32 -15.66
CA TYR F 66 -5.81 -10.08 -15.13
C TYR F 66 -5.68 -10.00 -13.62
N ALA F 67 -6.01 -11.09 -12.92
CA ALA F 67 -5.91 -11.14 -11.46
C ALA F 67 -4.47 -11.07 -10.98
N LEU F 68 -3.54 -11.67 -11.72
CA LEU F 68 -2.13 -11.61 -11.36
C LEU F 68 -1.54 -10.22 -11.60
N LYS F 69 -1.89 -9.55 -12.70
CA LYS F 69 -1.37 -8.21 -12.92
C LYS F 69 -2.08 -7.17 -12.06
N ARG F 70 -3.27 -7.48 -11.54
CA ARG F 70 -3.91 -6.60 -10.57
C ARG F 70 -3.13 -6.56 -9.26
N GLN F 71 -2.60 -7.70 -8.84
CA GLN F 71 -1.84 -7.81 -7.61
C GLN F 71 -0.37 -7.49 -7.79
N GLY F 72 0.05 -7.09 -8.99
CA GLY F 72 1.43 -6.77 -9.26
C GLY F 72 2.29 -7.93 -9.67
N ARG F 73 1.73 -9.13 -9.78
CA ARG F 73 2.48 -10.31 -10.22
C ARG F 73 2.42 -10.38 -11.73
N THR F 74 3.43 -9.82 -12.39
CA THR F 74 3.51 -9.82 -13.84
C THR F 74 4.06 -11.15 -14.33
N LEU F 75 3.35 -11.78 -15.26
CA LEU F 75 3.74 -13.08 -15.81
C LEU F 75 3.83 -13.00 -17.32
N TYR F 76 4.76 -13.77 -17.88
CA TYR F 76 4.95 -13.89 -19.33
C TYR F 76 4.74 -15.35 -19.70
N GLY F 77 3.61 -15.63 -20.34
CA GLY F 77 3.27 -17.01 -20.68
C GLY F 77 1.95 -17.14 -21.41
N PHE F 78 1.12 -18.08 -20.98
CA PHE F 78 -0.19 -18.29 -21.58
C PHE F 78 -1.13 -17.12 -21.27
N GLY F 79 -2.10 -16.91 -22.16
CA GLY F 79 -3.04 -15.83 -22.01
C GLY F 79 -2.61 -14.58 -22.75
N GLY F 80 -1.46 -14.02 -22.40
CA GLY F 80 -0.96 -12.83 -23.05
C GLY F 80 -1.32 -11.55 -22.34
#